data_4OES
#
_entry.id   4OES
#
_cell.length_a   142.710
_cell.length_b   76.300
_cell.length_c   59.580
_cell.angle_alpha   90.00
_cell.angle_beta   109.51
_cell.angle_gamma   90.00
#
_symmetry.space_group_name_H-M   'C 1 2 1'
#
loop_
_entity.id
_entity.type
_entity.pdbx_description
1 polymer 'NikA protein'
2 non-polymer '{[-(BIS-CARBOXYMETHYL-AMINO)-ETHYL]-CARBOXYMETHYL-AMINO}-ACETIC ACID'
3 non-polymer 'FE (III) ION'
4 non-polymer 'SULFATE ION'
5 non-polymer GLYCEROL
6 water water
#
_entity_poly.entity_id   1
_entity_poly.type   'polypeptide(L)'
_entity_poly.pdbx_seq_one_letter_code
;DPKLNFSWPVNVGPLNPHLYSPNQMFAQNMVYEPLVHYNADGTVGPWLAESWEASQDGRSYTFKLREDVKFSNGEVFDAA
AVKANIDTVLQNRPRHNWLELVNQMVSAEVVGPYKVRINLKKPYYPLLQELSLPRPFRFIAPSQFKNGGTADGIVAPIGT
GPWKLTETKLGEHDVFTRNDSYWGPKPAYEQITVKVIPDPNTRAIAFEAGEIDLIYGTEGPISPDTFERFQKMGIYNTEL
SEPLETRVLALNTNHGATKDLAVRKAINHAVDKDTMIATVLYGTQKRADTLFADNVPYANIGLKPYAFDPALAARLLDEA
GWTAKASGDIREKDGQPLAIELCFIGTDAISKSMAEIVQADLRKVGIDVKLTGEEESSIYARQRDGRFDMIFNQTWGAPY
DPHAFVSSMRVPSHADYQAQLGLPDKAKIDAEIGQVLVSTDETARQALYKDILTRLHEEAVYLPLTSVTAMAVAKPEVGK
ITFGAMSSEIPFEKLTPKAN
;
_entity_poly.pdbx_strand_id   A
#
loop_
_chem_comp.id
_chem_comp.type
_chem_comp.name
_chem_comp.formula
EDT non-polymer '{[-(BIS-CARBOXYMETHYL-AMINO)-ETHYL]-CARBOXYMETHYL-AMINO}-ACETIC ACID' 'C10 H16 N2 O8'
FE non-polymer 'FE (III) ION' 'Fe 3'
GOL non-polymer GLYCEROL 'C3 H8 O3'
SO4 non-polymer 'SULFATE ION' 'O4 S -2'
#
# COMPACT_ATOMS: atom_id res chain seq x y z
N ASP A 1 22.61 20.60 -14.88
CA ASP A 1 22.00 19.31 -15.13
C ASP A 1 22.78 18.13 -14.54
N PRO A 2 22.67 17.93 -13.20
CA PRO A 2 23.23 16.78 -12.49
C PRO A 2 22.51 15.45 -12.79
N LYS A 3 23.18 14.34 -12.53
CA LYS A 3 22.57 13.02 -12.66
C LYS A 3 22.47 12.35 -11.30
N LEU A 4 21.50 11.46 -11.14
CA LEU A 4 21.28 10.81 -9.86
C LEU A 4 21.38 9.30 -9.97
N ASN A 5 22.11 8.69 -9.06
CA ASN A 5 22.12 7.23 -8.93
C ASN A 5 21.20 6.75 -7.81
N PHE A 6 20.18 5.98 -8.17
CA PHE A 6 19.22 5.39 -7.23
C PHE A 6 19.39 3.87 -7.36
N SER A 7 18.82 3.07 -6.45
CA SER A 7 18.84 1.60 -6.60
C SER A 7 17.50 1.04 -6.19
N TRP A 8 17.23 -0.19 -6.61
CA TRP A 8 15.94 -0.85 -6.35
C TRP A 8 16.22 -2.36 -6.40
N PRO A 9 15.37 -3.18 -5.74
CA PRO A 9 15.71 -4.61 -5.75
C PRO A 9 15.47 -5.35 -7.07
N VAL A 10 14.74 -4.74 -8.01
CA VAL A 10 14.41 -5.40 -9.26
C VAL A 10 14.33 -4.34 -10.36
N ASN A 11 14.42 -4.75 -11.62
CA ASN A 11 14.08 -3.86 -12.75
C ASN A 11 12.71 -3.21 -12.65
N VAL A 12 12.53 -2.05 -13.29
CA VAL A 12 11.25 -1.34 -13.14
C VAL A 12 10.08 -2.02 -13.86
N GLY A 13 10.38 -2.84 -14.88
CA GLY A 13 9.31 -3.54 -15.60
C GLY A 13 9.14 -2.94 -16.99
N PRO A 14 8.18 -3.47 -17.78
CA PRO A 14 7.99 -2.89 -19.12
C PRO A 14 7.33 -1.50 -19.04
N LEU A 15 6.85 -1.15 -17.86
CA LEU A 15 6.13 0.12 -17.67
C LEU A 15 4.86 0.24 -18.51
N ASN A 16 4.05 -0.80 -18.48
CA ASN A 16 2.69 -0.70 -19.01
C ASN A 16 1.88 0.05 -17.95
N PRO A 17 1.14 1.12 -18.35
CA PRO A 17 0.38 1.96 -17.41
C PRO A 17 -0.81 1.21 -16.85
N HIS A 18 -1.20 0.10 -17.47
CA HIS A 18 -2.47 -0.56 -17.08
C HIS A 18 -2.29 -2.00 -16.62
N LEU A 19 -1.06 -2.37 -16.25
CA LEU A 19 -0.83 -3.71 -15.71
C LEU A 19 -0.16 -3.61 -14.35
N TYR A 20 -0.06 -4.73 -13.64
CA TYR A 20 0.44 -4.70 -12.24
C TYR A 20 1.85 -5.34 -12.15
N SER A 21 2.09 -6.25 -11.20
CA SER A 21 3.41 -6.90 -11.16
C SER A 21 3.67 -7.42 -12.56
N PRO A 22 4.88 -7.24 -13.12
CA PRO A 22 6.10 -6.79 -12.43
C PRO A 22 6.40 -5.30 -12.54
N ASN A 23 5.45 -4.51 -13.04
CA ASN A 23 5.66 -3.10 -13.18
C ASN A 23 5.75 -2.48 -11.80
N GLN A 24 6.75 -1.62 -11.58
CA GLN A 24 6.92 -0.99 -10.27
C GLN A 24 6.19 0.37 -10.16
N MET A 25 5.27 0.52 -9.20
CA MET A 25 4.46 1.74 -9.11
C MET A 25 5.27 3.03 -9.03
N PHE A 26 6.42 3.03 -8.36
CA PHE A 26 7.17 4.31 -8.26
C PHE A 26 7.57 4.77 -9.65
N ALA A 27 7.87 3.80 -10.52
CA ALA A 27 8.35 4.05 -11.87
C ALA A 27 7.19 4.42 -12.80
N GLN A 28 6.06 3.73 -12.66
CA GLN A 28 4.85 4.17 -13.35
C GLN A 28 4.52 5.61 -13.00
N ASN A 29 4.70 5.97 -11.73
CA ASN A 29 4.44 7.34 -11.26
C ASN A 29 5.38 8.39 -11.85
N MET A 30 6.56 7.96 -12.31
CA MET A 30 7.51 8.91 -12.94
C MET A 30 7.15 9.24 -14.40
N VAL A 31 6.53 8.28 -15.06
CA VAL A 31 6.33 8.37 -16.50
C VAL A 31 4.89 8.79 -16.90
N TYR A 32 3.90 8.21 -16.22
CA TYR A 32 2.52 8.45 -16.58
C TYR A 32 1.85 9.34 -15.52
N GLU A 33 0.84 10.08 -15.96
CA GLU A 33 0.13 11.03 -15.09
C GLU A 33 -1.40 10.83 -15.07
N PRO A 34 -2.06 11.24 -13.97
CA PRO A 34 -3.50 11.04 -13.83
C PRO A 34 -4.30 12.31 -14.14
N LEU A 35 -5.62 12.23 -14.07
CA LEU A 35 -6.44 13.42 -14.34
C LEU A 35 -6.34 14.41 -13.18
N VAL A 36 -6.23 13.86 -11.97
CA VAL A 36 -6.22 14.69 -10.78
C VAL A 36 -5.17 14.15 -9.84
N HIS A 37 -4.77 14.99 -8.89
CA HIS A 37 -3.52 14.82 -8.18
C HIS A 37 -3.82 14.67 -6.70
N TYR A 38 -3.29 13.63 -6.04
CA TYR A 38 -3.45 13.55 -4.60
C TYR A 38 -2.40 14.44 -3.93
N ASN A 39 -2.84 15.35 -3.06
CA ASN A 39 -1.90 16.18 -2.29
C ASN A 39 -1.63 15.62 -0.88
N ALA A 40 -0.49 15.98 -0.32
CA ALA A 40 -0.15 15.52 1.04
C ALA A 40 -1.15 15.95 2.15
N ASP A 41 -1.92 17.00 1.92
CA ASP A 41 -2.91 17.43 2.92
C ASP A 41 -4.24 16.72 2.78
N GLY A 42 -4.25 15.65 1.99
CA GLY A 42 -5.45 14.84 1.86
C GLY A 42 -6.44 15.31 0.80
N THR A 43 -6.19 16.49 0.21
CA THR A 43 -7.10 16.99 -0.83
C THR A 43 -6.72 16.41 -2.20
N VAL A 44 -7.66 16.45 -3.15
CA VAL A 44 -7.33 16.07 -4.53
C VAL A 44 -7.47 17.34 -5.37
N GLY A 45 -6.51 17.62 -6.25
CA GLY A 45 -6.48 18.87 -6.99
C GLY A 45 -6.32 18.59 -8.48
N PRO A 46 -6.36 19.64 -9.31
CA PRO A 46 -6.15 19.50 -10.75
C PRO A 46 -4.76 18.96 -11.11
N TRP A 47 -4.68 18.41 -12.31
CA TRP A 47 -3.44 17.86 -12.84
C TRP A 47 -3.61 17.83 -14.38
N LEU A 48 -3.82 16.67 -15.01
CA LEU A 48 -4.06 16.73 -16.46
C LEU A 48 -5.41 17.40 -16.78
N ALA A 49 -6.34 17.25 -15.83
CA ALA A 49 -7.63 17.95 -15.86
C ALA A 49 -7.53 19.24 -15.03
N GLU A 50 -7.92 20.38 -15.61
CA GLU A 50 -7.90 21.69 -14.92
C GLU A 50 -9.08 21.92 -13.99
N SER A 51 -10.22 21.33 -14.30
CA SER A 51 -11.41 21.60 -13.52
C SER A 51 -12.41 20.52 -13.88
N TRP A 52 -13.52 20.45 -13.17
CA TRP A 52 -14.50 19.40 -13.46
C TRP A 52 -15.82 19.73 -12.82
N GLU A 53 -16.88 19.22 -13.43
CA GLU A 53 -18.21 19.39 -12.86
C GLU A 53 -18.91 18.06 -12.65
N ALA A 54 -19.87 18.06 -11.73
CA ALA A 54 -20.51 16.84 -11.36
C ALA A 54 -21.98 17.03 -11.57
N SER A 55 -22.61 15.98 -12.09
CA SER A 55 -24.05 16.01 -12.29
C SER A 55 -24.74 16.15 -10.92
N GLN A 56 -25.99 16.58 -10.96
CA GLN A 56 -26.83 16.73 -9.78
C GLN A 56 -26.90 15.42 -8.98
N ASP A 57 -27.09 14.31 -9.69
CA ASP A 57 -27.15 12.96 -9.09
C ASP A 57 -25.78 12.38 -8.75
N GLY A 58 -24.71 13.07 -9.13
CA GLY A 58 -23.38 12.64 -8.81
C GLY A 58 -22.92 11.48 -9.68
N ARG A 59 -23.67 11.16 -10.72
CA ARG A 59 -23.34 9.99 -11.54
C ARG A 59 -22.46 10.30 -12.75
N SER A 60 -22.38 11.58 -13.12
CA SER A 60 -21.60 12.00 -14.31
C SER A 60 -20.61 13.13 -13.99
N TYR A 61 -19.36 12.91 -14.35
CA TYR A 61 -18.29 13.88 -14.09
C TYR A 61 -17.65 14.30 -15.39
N THR A 62 -17.71 15.59 -15.68
CA THR A 62 -17.08 16.12 -16.88
C THR A 62 -15.80 16.90 -16.58
N PHE A 63 -14.71 16.43 -17.16
CA PHE A 63 -13.36 16.88 -16.84
C PHE A 63 -12.86 17.76 -17.97
N LYS A 64 -12.55 19.02 -17.66
CA LYS A 64 -11.92 19.91 -18.63
C LYS A 64 -10.39 19.74 -18.54
N LEU A 65 -9.78 19.33 -19.65
CA LEU A 65 -8.34 19.05 -19.73
C LEU A 65 -7.45 20.25 -20.10
N ARG A 66 -6.22 20.27 -19.57
CA ARG A 66 -5.22 21.23 -20.03
C ARG A 66 -5.05 21.09 -21.55
N GLU A 67 -4.85 22.22 -22.23
CA GLU A 67 -4.70 22.24 -23.69
C GLU A 67 -3.24 22.41 -24.16
N ASP A 68 -2.30 22.25 -23.24
CA ASP A 68 -0.89 22.48 -23.53
C ASP A 68 -0.04 21.26 -23.21
N VAL A 69 -0.66 20.09 -23.11
CA VAL A 69 0.10 18.88 -22.79
C VAL A 69 0.39 18.05 -24.06
N LYS A 70 1.60 17.54 -24.18
CA LYS A 70 1.94 16.57 -25.23
C LYS A 70 2.58 15.35 -24.58
N PHE A 71 2.44 14.21 -25.25
CA PHE A 71 3.16 13.03 -24.81
C PHE A 71 4.64 13.30 -25.10
N SER A 72 5.54 12.60 -24.41
CA SER A 72 6.98 12.83 -24.57
C SER A 72 7.47 12.67 -26.02
N ASN A 73 6.68 12.02 -26.88
CA ASN A 73 7.04 11.92 -28.29
C ASN A 73 6.49 13.06 -29.17
N GLY A 74 5.83 14.03 -28.55
CA GLY A 74 5.30 15.16 -29.34
C GLY A 74 3.81 15.06 -29.68
N GLU A 75 3.23 13.86 -29.54
CA GLU A 75 1.80 13.67 -29.79
C GLU A 75 0.89 14.38 -28.76
N VAL A 76 -0.21 14.95 -29.25
CA VAL A 76 -1.10 15.77 -28.43
C VAL A 76 -1.82 14.95 -27.38
N PHE A 77 -1.94 15.50 -26.17
CA PHE A 77 -2.77 14.89 -25.15
C PHE A 77 -4.13 15.60 -25.23
N ASP A 78 -5.21 14.85 -25.35
CA ASP A 78 -6.52 15.44 -25.56
C ASP A 78 -7.60 14.46 -25.09
N ALA A 79 -8.87 14.81 -25.34
CA ALA A 79 -9.96 13.98 -24.83
C ALA A 79 -10.00 12.59 -25.49
N ALA A 80 -9.79 12.53 -26.80
CA ALA A 80 -9.75 11.22 -27.45
C ALA A 80 -8.67 10.30 -26.82
N ALA A 81 -7.53 10.87 -26.42
CA ALA A 81 -6.51 10.03 -25.80
C ALA A 81 -6.98 9.50 -24.48
N VAL A 82 -7.74 10.32 -23.73
CA VAL A 82 -8.13 9.88 -22.40
C VAL A 82 -9.20 8.80 -22.56
N LYS A 83 -10.11 9.01 -23.49
CA LYS A 83 -11.08 7.96 -23.81
C LYS A 83 -10.45 6.62 -24.22
N ALA A 84 -9.37 6.65 -25.01
CA ALA A 84 -8.84 5.41 -25.56
C ALA A 84 -8.20 4.63 -24.42
N ASN A 85 -7.62 5.37 -23.49
CA ASN A 85 -7.00 4.79 -22.29
C ASN A 85 -8.01 4.14 -21.35
N ILE A 86 -8.97 4.92 -20.91
CA ILE A 86 -10.06 4.36 -20.10
C ILE A 86 -10.73 3.15 -20.76
N ASP A 87 -11.03 3.25 -22.06
CA ASP A 87 -11.71 2.15 -22.76
C ASP A 87 -10.93 0.83 -22.69
N THR A 88 -9.61 0.87 -22.85
CA THR A 88 -8.87 -0.40 -22.87
C THR A 88 -8.82 -0.98 -21.44
N VAL A 89 -8.83 -0.11 -20.43
CA VAL A 89 -8.94 -0.59 -19.05
C VAL A 89 -10.34 -1.22 -18.88
N LEU A 90 -11.39 -0.56 -19.33
CA LEU A 90 -12.73 -1.12 -19.17
C LEU A 90 -13.00 -2.35 -20.03
N GLN A 91 -12.17 -2.58 -21.04
CA GLN A 91 -12.30 -3.79 -21.86
C GLN A 91 -11.58 -4.97 -21.18
N ASN A 92 -10.87 -4.65 -20.11
CA ASN A 92 -10.16 -5.67 -19.35
C ASN A 92 -10.56 -5.72 -17.89
N ARG A 93 -11.87 -5.71 -17.65
CA ARG A 93 -12.39 -5.62 -16.26
C ARG A 93 -11.85 -6.62 -15.23
N PRO A 94 -11.67 -7.91 -15.62
CA PRO A 94 -11.20 -8.89 -14.63
C PRO A 94 -9.87 -8.52 -13.95
N ARG A 95 -8.95 -7.86 -14.65
CA ARG A 95 -7.70 -7.40 -14.04
C ARG A 95 -7.88 -6.24 -13.07
N HIS A 96 -8.98 -5.51 -13.22
CA HIS A 96 -9.13 -4.23 -12.52
C HIS A 96 -10.27 -4.20 -11.52
N ASN A 97 -11.09 -5.24 -11.51
CA ASN A 97 -12.31 -5.21 -10.69
C ASN A 97 -12.09 -5.36 -9.17
N TRP A 98 -10.82 -5.37 -8.75
CA TRP A 98 -10.52 -5.16 -7.34
C TRP A 98 -10.84 -3.71 -6.97
N LEU A 99 -10.82 -2.82 -7.98
CA LEU A 99 -11.00 -1.36 -7.76
C LEU A 99 -12.45 -0.96 -8.00
N GLU A 100 -13.11 -0.46 -6.97
CA GLU A 100 -14.54 -0.31 -7.03
C GLU A 100 -14.90 0.79 -8.01
N LEU A 101 -13.97 1.71 -8.28
CA LEU A 101 -14.23 2.72 -9.29
C LEU A 101 -14.49 2.06 -10.65
N VAL A 102 -13.76 0.99 -10.92
CA VAL A 102 -13.91 0.29 -12.20
C VAL A 102 -15.28 -0.36 -12.25
N ASN A 103 -15.63 -1.05 -11.18
CA ASN A 103 -16.97 -1.63 -11.09
C ASN A 103 -18.11 -0.65 -11.33
N GLN A 104 -17.97 0.57 -10.82
CA GLN A 104 -19.03 1.59 -11.01
C GLN A 104 -19.03 2.29 -12.38
N MET A 105 -17.87 2.39 -13.01
CA MET A 105 -17.74 3.14 -14.24
C MET A 105 -18.42 2.44 -15.41
N VAL A 106 -19.24 3.20 -16.14
CA VAL A 106 -19.98 2.64 -17.24
C VAL A 106 -19.31 2.95 -18.59
N SER A 107 -19.00 4.23 -18.78
CA SER A 107 -18.46 4.71 -20.05
C SER A 107 -17.60 5.95 -19.85
N ALA A 108 -16.75 6.23 -20.84
CA ALA A 108 -16.11 7.53 -20.96
C ALA A 108 -16.53 8.11 -22.31
N GLU A 109 -16.93 9.38 -22.33
CA GLU A 109 -17.34 10.03 -23.58
C GLU A 109 -16.56 11.29 -23.92
N VAL A 110 -16.22 11.46 -25.20
CA VAL A 110 -15.60 12.70 -25.66
C VAL A 110 -16.71 13.70 -25.94
N VAL A 111 -16.71 14.84 -25.26
CA VAL A 111 -17.79 15.82 -25.49
C VAL A 111 -17.24 17.16 -25.94
N GLY A 112 -15.93 17.20 -26.10
CA GLY A 112 -15.27 18.32 -26.71
C GLY A 112 -13.84 17.86 -26.92
N PRO A 113 -13.09 18.58 -27.77
CA PRO A 113 -11.68 18.23 -28.01
C PRO A 113 -10.89 18.08 -26.73
N TYR A 114 -11.18 18.89 -25.70
CA TYR A 114 -10.44 18.79 -24.43
C TYR A 114 -11.33 18.54 -23.20
N LYS A 115 -12.42 17.80 -23.41
CA LYS A 115 -13.42 17.63 -22.35
C LYS A 115 -13.94 16.19 -22.36
N VAL A 116 -13.77 15.46 -21.25
CA VAL A 116 -14.15 14.05 -21.16
C VAL A 116 -15.22 13.80 -20.10
N ARG A 117 -16.27 13.06 -20.44
CA ARG A 117 -17.30 12.72 -19.46
C ARG A 117 -17.12 11.28 -18.96
N ILE A 118 -17.15 11.12 -17.64
CA ILE A 118 -17.10 9.80 -17.04
C ILE A 118 -18.47 9.55 -16.40
N ASN A 119 -19.09 8.42 -16.74
CA ASN A 119 -20.42 8.07 -16.23
C ASN A 119 -20.36 6.83 -15.34
N LEU A 120 -21.08 6.88 -14.21
CA LEU A 120 -21.07 5.80 -13.20
C LEU A 120 -22.47 5.25 -12.95
N LYS A 121 -22.56 4.04 -12.43
CA LYS A 121 -23.85 3.42 -12.09
C LYS A 121 -24.46 4.10 -10.88
N LYS A 122 -23.60 4.57 -10.00
CA LYS A 122 -24.01 5.19 -8.74
C LYS A 122 -23.04 6.29 -8.39
N PRO A 123 -23.49 7.27 -7.58
CA PRO A 123 -22.54 8.20 -6.98
C PRO A 123 -21.54 7.42 -6.15
N TYR A 124 -20.27 7.75 -6.31
CA TYR A 124 -19.19 6.97 -5.75
C TYR A 124 -18.20 7.97 -5.18
N TYR A 125 -18.23 8.19 -3.86
CA TYR A 125 -17.39 9.25 -3.28
C TYR A 125 -15.85 9.11 -3.44
N PRO A 126 -15.30 7.88 -3.46
CA PRO A 126 -13.85 7.84 -3.73
C PRO A 126 -13.42 8.08 -5.17
N LEU A 127 -14.33 8.50 -6.07
CA LEU A 127 -13.96 8.73 -7.46
C LEU A 127 -12.66 9.52 -7.63
N LEU A 128 -12.60 10.74 -7.07
CA LEU A 128 -11.43 11.60 -7.34
C LEU A 128 -10.14 10.99 -6.79
N GLN A 129 -10.23 10.44 -5.60
CA GLN A 129 -9.05 9.72 -5.03
C GLN A 129 -8.55 8.55 -5.87
N GLU A 130 -9.47 7.79 -6.44
CA GLU A 130 -9.06 6.58 -7.19
C GLU A 130 -8.66 6.88 -8.61
N LEU A 131 -8.99 8.09 -9.05
CA LEU A 131 -8.50 8.59 -10.33
C LEU A 131 -7.06 9.16 -10.19
N SER A 132 -6.60 9.30 -8.95
CA SER A 132 -5.29 9.90 -8.72
C SER A 132 -4.20 8.84 -8.54
N LEU A 133 -4.61 7.58 -8.51
CA LEU A 133 -3.70 6.46 -8.17
C LEU A 133 -2.64 6.24 -9.26
N PRO A 134 -1.55 5.51 -8.92
CA PRO A 134 -0.49 5.14 -9.87
C PRO A 134 -1.02 4.40 -11.06
N ARG A 135 -2.08 3.63 -10.85
CA ARG A 135 -2.64 2.81 -11.92
C ARG A 135 -4.01 2.41 -11.46
N PRO A 136 -4.91 2.13 -12.41
CA PRO A 136 -4.66 2.03 -13.86
C PRO A 136 -5.14 3.25 -14.66
N PHE A 137 -5.63 4.29 -14.00
CA PHE A 137 -6.14 5.43 -14.77
C PHE A 137 -5.10 6.53 -14.98
N ARG A 138 -3.98 6.19 -15.61
CA ARG A 138 -3.00 7.17 -16.09
C ARG A 138 -2.76 6.90 -17.59
N PHE A 139 -2.12 7.83 -18.32
CA PHE A 139 -2.32 7.85 -19.80
C PHE A 139 -1.10 7.63 -20.71
N ILE A 140 -1.16 6.59 -21.55
CA ILE A 140 -0.07 6.35 -22.52
C ILE A 140 -0.57 6.89 -23.85
N ALA A 141 0.33 7.30 -24.74
CA ALA A 141 -0.10 7.76 -26.07
C ALA A 141 -0.74 6.59 -26.82
N PRO A 142 -1.93 6.81 -27.39
CA PRO A 142 -2.62 5.65 -27.99
C PRO A 142 -1.91 5.08 -29.22
N SER A 143 -0.94 5.79 -29.77
CA SER A 143 -0.15 5.27 -30.89
C SER A 143 0.65 4.05 -30.45
N GLN A 144 0.79 3.87 -29.14
CA GLN A 144 1.63 2.82 -28.58
C GLN A 144 0.85 1.54 -28.26
N PHE A 145 -0.45 1.54 -28.54
CA PHE A 145 -1.30 0.35 -28.40
C PHE A 145 -0.85 -0.78 -29.34
N LYS A 146 -1.18 -2.02 -28.97
CA LYS A 146 -1.03 -3.18 -29.84
C LYS A 146 -2.39 -3.90 -29.78
N ASN A 147 -2.82 -4.45 -30.91
CA ASN A 147 -4.18 -4.99 -31.05
C ASN A 147 -5.31 -4.02 -30.63
N GLY A 148 -5.05 -2.72 -30.71
CA GLY A 148 -6.02 -1.75 -30.26
C GLY A 148 -6.15 -1.62 -28.75
N GLY A 149 -5.19 -2.16 -27.99
CA GLY A 149 -5.18 -1.90 -26.55
C GLY A 149 -3.79 -1.99 -25.93
N THR A 150 -3.75 -2.09 -24.61
CA THR A 150 -2.50 -2.28 -23.91
C THR A 150 -2.41 -3.63 -23.17
N ALA A 151 -3.47 -4.43 -23.17
CA ALA A 151 -3.43 -5.65 -22.34
C ALA A 151 -2.39 -6.66 -22.82
N ASP A 152 -2.14 -6.65 -24.12
CA ASP A 152 -1.19 -7.56 -24.77
C ASP A 152 0.15 -6.88 -25.05
N GLY A 153 0.42 -5.76 -24.39
CA GLY A 153 1.72 -5.13 -24.58
C GLY A 153 1.66 -3.76 -25.23
N ILE A 154 2.78 -3.03 -25.13
CA ILE A 154 2.86 -1.67 -25.67
C ILE A 154 4.07 -1.53 -26.61
N VAL A 155 4.01 -0.62 -27.58
CA VAL A 155 5.16 -0.33 -28.43
C VAL A 155 6.34 0.27 -27.61
N ALA A 156 6.05 1.31 -26.82
CA ALA A 156 7.06 1.97 -25.98
C ALA A 156 6.34 2.74 -24.89
N PRO A 157 6.99 2.94 -23.74
CA PRO A 157 6.20 3.50 -22.63
C PRO A 157 6.08 5.03 -22.72
N ILE A 158 5.25 5.51 -23.64
CA ILE A 158 5.18 6.96 -23.87
C ILE A 158 4.09 7.63 -23.00
N GLY A 159 4.50 8.39 -21.98
CA GLY A 159 3.54 9.08 -21.14
C GLY A 159 3.74 10.58 -21.27
N THR A 160 3.12 11.38 -20.39
CA THR A 160 3.21 12.85 -20.44
C THR A 160 4.06 13.37 -19.28
N GLY A 161 4.57 12.43 -18.48
CA GLY A 161 5.19 12.70 -17.17
C GLY A 161 6.56 13.34 -17.28
N PRO A 162 7.16 13.71 -16.14
CA PRO A 162 8.43 14.48 -16.23
C PRO A 162 9.67 13.64 -16.58
N TRP A 163 9.59 12.31 -16.53
CA TRP A 163 10.71 11.42 -16.86
C TRP A 163 10.35 10.45 -17.99
N LYS A 164 11.35 10.05 -18.79
CA LYS A 164 11.14 9.00 -19.80
C LYS A 164 12.07 7.81 -19.57
N LEU A 165 11.54 6.58 -19.59
CA LEU A 165 12.40 5.41 -19.64
C LEU A 165 13.13 5.34 -20.99
N THR A 166 14.45 5.47 -20.95
CA THR A 166 15.24 5.51 -22.18
C THR A 166 16.17 4.31 -22.40
N GLU A 167 16.50 3.60 -21.32
CA GLU A 167 17.33 2.41 -21.45
C GLU A 167 17.02 1.40 -20.35
N THR A 168 16.94 0.13 -20.75
CA THR A 168 16.75 -0.92 -19.77
C THR A 168 17.78 -1.99 -20.04
N LYS A 169 18.56 -2.34 -19.01
CA LYS A 169 19.45 -3.51 -19.06
C LYS A 169 19.03 -4.50 -17.98
N LEU A 170 18.54 -5.67 -18.43
CA LEU A 170 17.94 -6.65 -17.52
C LEU A 170 18.96 -7.10 -16.48
N GLY A 171 18.57 -7.01 -15.21
CA GLY A 171 19.43 -7.38 -14.11
C GLY A 171 20.48 -6.33 -13.75
N GLU A 172 20.51 -5.21 -14.49
CA GLU A 172 21.58 -4.22 -14.34
C GLU A 172 21.03 -2.85 -13.92
N HIS A 173 20.26 -2.20 -14.80
CA HIS A 173 19.68 -0.89 -14.48
C HIS A 173 18.53 -0.49 -15.39
N ASP A 174 17.81 0.54 -14.96
CA ASP A 174 16.86 1.24 -15.82
C ASP A 174 17.26 2.73 -15.76
N VAL A 175 17.35 3.40 -16.89
CA VAL A 175 17.74 4.81 -16.91
C VAL A 175 16.54 5.68 -17.30
N PHE A 176 16.22 6.67 -16.48
CA PHE A 176 15.21 7.67 -16.87
C PHE A 176 15.86 8.99 -17.21
N THR A 177 15.40 9.57 -18.33
CA THR A 177 15.88 10.85 -18.82
C THR A 177 14.80 11.91 -18.62
N ARG A 178 15.21 13.13 -18.27
CA ARG A 178 14.29 14.24 -18.09
C ARG A 178 13.50 14.51 -19.39
N ASN A 179 12.17 14.56 -19.29
CA ASN A 179 11.32 15.01 -20.40
C ASN A 179 11.42 16.53 -20.62
N ASP A 180 12.23 16.95 -21.60
CA ASP A 180 12.47 18.37 -21.77
C ASP A 180 11.26 19.15 -22.33
N SER A 181 10.16 18.47 -22.63
CA SER A 181 9.00 19.19 -23.16
C SER A 181 7.80 18.94 -22.23
N TYR A 182 8.13 18.56 -21.00
CA TYR A 182 7.11 18.36 -19.99
C TYR A 182 6.32 19.67 -19.80
N TRP A 183 5.03 19.53 -19.50
CA TRP A 183 4.16 20.72 -19.37
C TRP A 183 4.34 21.46 -18.05
N GLY A 184 4.79 20.75 -17.02
CA GLY A 184 4.90 21.33 -15.69
C GLY A 184 6.29 21.84 -15.40
N PRO A 185 6.63 22.00 -14.10
CA PRO A 185 7.95 22.55 -13.78
C PRO A 185 9.03 21.61 -14.28
N LYS A 186 10.20 22.15 -14.54
CA LYS A 186 11.31 21.36 -15.04
C LYS A 186 12.15 20.80 -13.88
N PRO A 187 12.33 19.46 -13.83
CA PRO A 187 13.16 18.80 -12.80
C PRO A 187 14.62 19.28 -12.87
N ALA A 188 15.28 19.47 -11.73
CA ALA A 188 16.67 19.93 -11.76
C ALA A 188 17.66 18.84 -12.20
N TYR A 189 17.40 17.58 -11.81
CA TYR A 189 18.19 16.47 -12.36
C TYR A 189 17.78 16.16 -13.78
N GLU A 190 18.76 15.84 -14.63
CA GLU A 190 18.52 15.50 -16.04
C GLU A 190 18.33 13.98 -16.22
N GLN A 191 18.69 13.19 -15.21
CA GLN A 191 18.74 11.74 -15.41
C GLN A 191 18.75 10.97 -14.08
N ILE A 192 17.88 9.96 -13.99
CA ILE A 192 17.90 9.06 -12.86
C ILE A 192 18.28 7.67 -13.36
N THR A 193 19.36 7.10 -12.81
CA THR A 193 19.75 5.72 -13.07
C THR A 193 19.32 4.87 -11.90
N VAL A 194 18.43 3.92 -12.15
CA VAL A 194 18.01 2.99 -11.11
C VAL A 194 18.86 1.73 -11.23
N LYS A 195 19.80 1.55 -10.31
CA LYS A 195 20.66 0.38 -10.34
C LYS A 195 19.93 -0.79 -9.71
N VAL A 196 19.96 -1.96 -10.36
CA VAL A 196 19.25 -3.11 -9.80
C VAL A 196 20.15 -3.78 -8.77
N ILE A 197 19.82 -3.60 -7.50
CA ILE A 197 20.60 -4.15 -6.38
C ILE A 197 19.64 -4.84 -5.40
N PRO A 198 19.63 -6.18 -5.41
CA PRO A 198 18.59 -6.91 -4.65
C PRO A 198 18.81 -6.95 -3.12
N ASP A 199 20.04 -7.13 -2.65
CA ASP A 199 20.31 -7.25 -1.22
C ASP A 199 20.55 -5.93 -0.47
N PRO A 200 19.83 -5.72 0.66
CA PRO A 200 19.92 -4.44 1.38
C PRO A 200 21.30 -4.15 1.96
N ASN A 201 22.08 -5.19 2.30
CA ASN A 201 23.45 -4.98 2.77
C ASN A 201 24.37 -4.51 1.64
N THR A 202 24.18 -5.11 0.47
CA THR A 202 24.89 -4.71 -0.75
C THR A 202 24.58 -3.25 -1.09
N ARG A 203 23.32 -2.85 -0.86
CA ARG A 203 22.89 -1.48 -1.12
C ARG A 203 23.59 -0.49 -0.19
N ALA A 204 23.75 -0.87 1.07
CA ALA A 204 24.45 0.01 1.99
C ALA A 204 25.94 0.16 1.62
N ILE A 205 26.60 -0.94 1.29
CA ILE A 205 27.99 -0.87 0.84
C ILE A 205 28.13 0.03 -0.40
N ALA A 206 27.24 -0.14 -1.37
CA ALA A 206 27.28 0.68 -2.57
C ALA A 206 27.04 2.14 -2.20
N PHE A 207 26.12 2.41 -1.27
CA PHE A 207 25.88 3.77 -0.81
C PHE A 207 27.12 4.42 -0.17
N GLU A 208 27.78 3.72 0.75
CA GLU A 208 28.93 4.29 1.43
C GLU A 208 30.10 4.50 0.46
N ALA A 209 30.12 3.74 -0.63
CA ALA A 209 31.20 3.87 -1.62
C ALA A 209 30.89 4.90 -2.72
N GLY A 210 29.80 5.63 -2.57
CA GLY A 210 29.48 6.75 -3.46
C GLY A 210 28.91 6.34 -4.81
N GLU A 211 28.35 5.13 -4.88
CA GLU A 211 27.83 4.60 -6.13
C GLU A 211 26.32 4.79 -6.22
N ILE A 212 25.72 5.06 -5.06
CA ILE A 212 24.31 5.39 -4.94
C ILE A 212 24.21 6.71 -4.16
N ASP A 213 23.36 7.63 -4.63
CA ASP A 213 23.25 8.95 -4.02
C ASP A 213 22.09 9.08 -3.04
N LEU A 214 21.06 8.25 -3.24
CA LEU A 214 19.86 8.33 -2.40
C LEU A 214 19.29 6.96 -2.12
N ILE A 215 19.05 6.69 -0.85
CA ILE A 215 18.24 5.57 -0.39
C ILE A 215 16.82 6.11 -0.07
N TYR A 216 15.80 5.36 -0.46
CA TYR A 216 14.41 5.78 -0.25
C TYR A 216 13.57 4.54 -0.46
N GLY A 217 12.80 4.14 0.55
CA GLY A 217 11.88 3.03 0.37
C GLY A 217 11.08 2.70 1.63
N THR A 218 9.96 2.02 1.43
CA THR A 218 9.04 1.67 2.50
C THR A 218 9.22 0.23 3.00
N GLU A 219 9.98 -0.59 2.30
CA GLU A 219 10.14 -1.99 2.74
C GLU A 219 11.57 -2.40 3.14
N GLY A 220 12.31 -1.50 3.77
CA GLY A 220 13.67 -1.80 4.20
C GLY A 220 14.68 -1.81 3.08
N PRO A 221 14.92 -0.63 2.48
CA PRO A 221 15.95 -0.54 1.44
C PRO A 221 17.31 -0.79 2.07
N ILE A 222 17.49 -0.39 3.33
CA ILE A 222 18.60 -0.83 4.15
C ILE A 222 18.06 -1.42 5.46
N SER A 223 18.88 -2.18 6.17
CA SER A 223 18.49 -2.76 7.44
C SER A 223 18.34 -1.66 8.51
N PRO A 224 17.48 -1.89 9.51
CA PRO A 224 17.28 -0.94 10.61
C PRO A 224 18.58 -0.60 11.35
N ASP A 225 19.45 -1.59 11.58
CA ASP A 225 20.73 -1.32 12.24
C ASP A 225 21.61 -0.39 11.41
N THR A 226 21.54 -0.55 10.09
CA THR A 226 22.31 0.27 9.19
C THR A 226 21.76 1.72 9.20
N PHE A 227 20.44 1.87 9.16
CA PHE A 227 19.82 3.20 9.29
C PHE A 227 20.27 3.92 10.57
N GLU A 228 20.22 3.19 11.68
CA GLU A 228 20.69 3.67 12.97
C GLU A 228 22.16 4.09 12.81
N ARG A 229 22.96 3.21 12.24
CA ARG A 229 24.40 3.52 12.11
C ARG A 229 24.57 4.81 11.31
N PHE A 230 23.88 4.89 10.17
CA PHE A 230 24.00 6.05 9.28
C PHE A 230 23.65 7.34 9.99
N GLN A 231 22.49 7.35 10.64
CA GLN A 231 22.09 8.54 11.37
C GLN A 231 23.06 8.99 12.49
N LYS A 232 23.59 8.06 13.27
CA LYS A 232 24.53 8.42 14.35
C LYS A 232 25.79 9.04 13.75
N MET A 233 26.31 8.36 12.73
CA MET A 233 27.49 8.74 11.93
C MET A 233 27.51 10.22 11.57
N GLY A 234 26.33 10.81 11.42
CA GLY A 234 26.18 12.26 11.33
C GLY A 234 26.80 12.96 10.13
N ILE A 235 26.96 12.26 9.00
CA ILE A 235 27.47 12.87 7.78
C ILE A 235 26.38 12.95 6.70
N TYR A 236 25.37 12.10 6.82
CA TYR A 236 24.32 12.03 5.82
C TYR A 236 23.07 12.79 6.24
N ASN A 237 22.21 13.07 5.26
CA ASN A 237 20.85 13.50 5.54
C ASN A 237 20.02 12.24 5.74
N THR A 238 19.35 12.11 6.88
CA THR A 238 18.49 10.94 7.15
C THR A 238 17.14 11.38 7.70
N GLU A 239 16.08 10.74 7.23
CA GLU A 239 14.74 11.11 7.66
C GLU A 239 13.81 9.91 7.60
N LEU A 240 12.83 9.85 8.52
CA LEU A 240 11.76 8.88 8.41
C LEU A 240 10.43 9.63 8.19
N SER A 241 9.50 9.04 7.45
CA SER A 241 8.22 9.69 7.12
C SER A 241 7.28 9.61 8.31
N GLU A 242 6.13 10.28 8.17
CA GLU A 242 5.01 10.05 9.09
C GLU A 242 4.49 8.61 8.89
N PRO A 243 3.62 8.13 9.82
CA PRO A 243 3.10 6.77 9.68
C PRO A 243 2.34 6.57 8.38
N LEU A 244 2.68 5.53 7.61
CA LEU A 244 1.97 5.22 6.38
C LEU A 244 1.02 4.03 6.65
N GLU A 245 0.91 3.05 5.75
CA GLU A 245 -0.02 1.92 5.95
C GLU A 245 0.36 1.07 7.17
N THR A 246 -0.57 0.26 7.73
CA THR A 246 -0.32 -0.45 8.98
C THR A 246 0.08 -1.85 8.64
N ARG A 247 1.12 -2.36 9.27
CA ARG A 247 1.42 -3.79 9.24
C ARG A 247 0.64 -4.47 10.36
N VAL A 248 -0.15 -5.48 9.97
CA VAL A 248 -0.90 -6.27 10.96
C VAL A 248 -0.71 -7.78 10.82
N LEU A 249 -1.15 -8.52 11.84
CA LEU A 249 -1.43 -9.93 11.62
C LEU A 249 -2.94 -10.04 11.55
N ALA A 250 -3.46 -10.82 10.62
CA ALA A 250 -4.90 -11.11 10.63
C ALA A 250 -5.09 -12.44 11.34
N LEU A 251 -6.06 -12.48 12.24
CA LEU A 251 -6.30 -13.63 13.10
C LEU A 251 -7.56 -14.31 12.58
N ASN A 252 -7.52 -15.63 12.42
CA ASN A 252 -8.64 -16.25 11.72
C ASN A 252 -9.82 -16.57 12.62
N THR A 253 -10.89 -15.76 12.50
CA THR A 253 -12.08 -15.91 13.34
C THR A 253 -12.87 -17.16 12.97
N ASN A 254 -12.52 -17.79 11.86
CA ASN A 254 -13.29 -18.93 11.32
C ASN A 254 -12.56 -20.27 11.48
N HIS A 255 -11.33 -20.23 11.98
CA HIS A 255 -10.43 -21.39 11.89
C HIS A 255 -9.45 -21.48 13.07
N GLY A 256 -9.27 -22.67 13.64
CA GLY A 256 -8.30 -22.85 14.72
C GLY A 256 -8.61 -22.16 16.04
N ALA A 257 -7.61 -22.02 16.90
CA ALA A 257 -7.83 -21.48 18.24
C ALA A 257 -8.28 -20.00 18.24
N THR A 258 -8.03 -19.32 17.13
CA THR A 258 -8.37 -17.91 16.97
C THR A 258 -9.87 -17.71 16.73
N LYS A 259 -10.60 -18.80 16.57
CA LYS A 259 -12.05 -18.72 16.54
C LYS A 259 -12.58 -18.08 17.82
N ASP A 260 -11.86 -18.28 18.92
CA ASP A 260 -12.24 -17.76 20.24
C ASP A 260 -11.80 -16.31 20.48
N LEU A 261 -12.78 -15.42 20.68
CA LEU A 261 -12.49 -14.02 20.95
C LEU A 261 -11.45 -13.86 22.09
N ALA A 262 -11.59 -14.69 23.13
CA ALA A 262 -10.65 -14.67 24.26
C ALA A 262 -9.19 -14.96 23.84
N VAL A 263 -9.02 -15.86 22.87
CA VAL A 263 -7.69 -16.14 22.33
C VAL A 263 -7.16 -14.92 21.56
N ARG A 264 -7.99 -14.37 20.64
CA ARG A 264 -7.59 -13.17 19.92
C ARG A 264 -7.27 -11.98 20.87
N LYS A 265 -8.10 -11.75 21.88
CA LYS A 265 -7.74 -10.72 22.89
C LYS A 265 -6.45 -11.06 23.66
N ALA A 266 -6.24 -12.33 24.01
CA ALA A 266 -5.00 -12.68 24.69
C ALA A 266 -3.82 -12.34 23.79
N ILE A 267 -3.97 -12.59 22.48
CA ILE A 267 -2.85 -12.40 21.57
C ILE A 267 -2.47 -10.93 21.54
N ASN A 268 -3.48 -10.07 21.51
CA ASN A 268 -3.28 -8.62 21.43
C ASN A 268 -2.66 -8.04 22.68
N HIS A 269 -2.87 -8.70 23.83
CA HIS A 269 -2.28 -8.27 25.10
C HIS A 269 -0.86 -8.80 25.41
N ALA A 270 -0.40 -9.82 24.69
CA ALA A 270 0.81 -10.55 25.11
C ALA A 270 2.04 -10.21 24.28
N VAL A 271 1.87 -9.51 23.17
CA VAL A 271 3.02 -9.15 22.34
C VAL A 271 3.56 -7.78 22.74
N ASP A 272 4.85 -7.69 23.03
CA ASP A 272 5.42 -6.44 23.50
C ASP A 272 5.89 -5.65 22.29
N LYS A 273 5.01 -4.84 21.72
CA LYS A 273 5.36 -4.18 20.48
C LYS A 273 6.49 -3.18 20.73
N ASP A 274 6.44 -2.50 21.89
CA ASP A 274 7.47 -1.50 22.22
C ASP A 274 8.89 -2.10 22.23
N THR A 275 9.04 -3.28 22.83
CA THR A 275 10.32 -3.95 22.79
C THR A 275 10.69 -4.37 21.34
N MET A 276 9.72 -4.94 20.63
CA MET A 276 9.94 -5.31 19.22
C MET A 276 10.48 -4.12 18.42
N ILE A 277 9.87 -2.94 18.62
CA ILE A 277 10.28 -1.76 17.86
C ILE A 277 11.68 -1.30 18.25
N ALA A 278 11.97 -1.38 19.54
CA ALA A 278 13.24 -0.94 20.05
C ALA A 278 14.34 -1.92 19.65
N THR A 279 14.04 -3.21 19.63
CA THR A 279 15.14 -4.14 19.37
C THR A 279 15.30 -4.35 17.87
N VAL A 280 14.40 -5.10 17.24
CA VAL A 280 14.66 -5.42 15.84
C VAL A 280 14.54 -4.24 14.84
N LEU A 281 13.70 -3.26 15.12
CA LEU A 281 13.48 -2.15 14.17
C LEU A 281 14.24 -0.85 14.50
N TYR A 282 14.91 -0.83 15.65
CA TYR A 282 15.68 0.34 16.10
C TYR A 282 14.87 1.64 16.01
N GLY A 283 13.58 1.59 16.36
CA GLY A 283 12.76 2.80 16.38
C GLY A 283 12.45 3.41 15.01
N THR A 284 12.54 2.63 13.94
CA THR A 284 12.32 3.20 12.61
C THR A 284 10.85 3.15 12.18
N GLN A 285 10.00 2.48 12.98
CA GLN A 285 8.53 2.45 12.73
C GLN A 285 7.80 2.68 14.05
N LYS A 286 6.63 3.35 14.01
CA LYS A 286 5.85 3.63 15.23
C LYS A 286 4.93 2.47 15.55
N ARG A 287 4.74 2.20 16.84
CA ARG A 287 3.72 1.23 17.27
C ARG A 287 2.38 1.56 16.62
N ALA A 288 1.63 0.53 16.27
CA ALA A 288 0.24 0.72 15.85
C ALA A 288 -0.66 -0.08 16.76
N ASP A 289 -1.73 0.54 17.23
CA ASP A 289 -2.66 -0.19 18.11
C ASP A 289 -4.04 -0.46 17.50
N THR A 290 -4.26 0.07 16.28
CA THR A 290 -5.53 -0.14 15.60
C THR A 290 -5.23 -0.51 14.14
N LEU A 291 -6.21 -1.11 13.47
CA LEU A 291 -6.08 -1.33 12.01
C LEU A 291 -5.62 -0.12 11.21
N PHE A 292 -6.35 0.99 11.33
CA PHE A 292 -5.90 2.24 10.70
C PHE A 292 -5.42 3.26 11.72
N ALA A 293 -4.33 3.97 11.38
CA ALA A 293 -3.79 5.07 12.15
C ALA A 293 -4.71 6.30 12.17
N ASP A 294 -4.47 7.19 13.14
CA ASP A 294 -5.18 8.48 13.30
C ASP A 294 -5.14 9.38 12.10
N ASN A 295 -4.11 9.21 11.25
CA ASN A 295 -3.96 10.06 10.10
C ASN A 295 -4.76 9.59 8.86
N VAL A 296 -5.48 8.47 8.99
CA VAL A 296 -6.34 7.95 7.91
C VAL A 296 -7.74 8.62 8.01
N PRO A 297 -8.35 8.96 6.84
CA PRO A 297 -9.65 9.64 6.80
C PRO A 297 -10.73 8.79 7.45
N TYR A 298 -11.56 9.40 8.30
CA TYR A 298 -12.63 8.70 9.04
C TYR A 298 -12.13 7.72 10.11
N ALA A 299 -10.81 7.54 10.23
CA ALA A 299 -10.31 6.53 11.18
C ALA A 299 -9.95 7.08 12.58
N ASN A 300 -9.98 8.39 12.77
CA ASN A 300 -9.63 8.87 14.13
C ASN A 300 -10.85 8.89 15.07
N ILE A 301 -11.24 7.73 15.58
CA ILE A 301 -12.47 7.56 16.35
C ILE A 301 -12.20 7.22 17.83
N GLY A 302 -10.94 7.33 18.24
CA GLY A 302 -10.63 7.19 19.66
C GLY A 302 -10.75 5.78 20.21
N LEU A 303 -10.43 4.75 19.40
CA LEU A 303 -10.50 3.39 19.91
C LEU A 303 -9.49 3.19 21.04
N LYS A 304 -9.86 2.38 22.03
CA LYS A 304 -8.93 2.08 23.13
C LYS A 304 -7.98 0.95 22.77
N PRO A 305 -6.66 1.22 22.85
CA PRO A 305 -5.63 0.21 22.58
C PRO A 305 -5.74 -0.99 23.53
N TYR A 306 -5.33 -2.15 23.03
CA TYR A 306 -5.12 -3.32 23.88
C TYR A 306 -3.74 -3.17 24.49
N ALA A 307 -3.65 -2.86 25.79
CA ALA A 307 -2.35 -2.65 26.44
C ALA A 307 -1.55 -3.94 26.50
N PHE A 308 -0.21 -3.83 26.45
CA PHE A 308 0.69 -4.96 26.76
C PHE A 308 0.48 -5.34 28.21
N ASP A 309 -0.06 -6.55 28.42
CA ASP A 309 -0.48 -6.98 29.73
C ASP A 309 -0.56 -8.50 29.70
N PRO A 310 0.61 -9.18 29.81
CA PRO A 310 0.78 -10.64 29.71
C PRO A 310 0.03 -11.42 30.79
N ALA A 311 0.02 -10.92 32.02
CA ALA A 311 -0.82 -11.54 33.06
C ALA A 311 -2.32 -11.57 32.65
N LEU A 312 -2.86 -10.43 32.22
CA LEU A 312 -4.23 -10.42 31.67
C LEU A 312 -4.40 -11.43 30.51
N ALA A 313 -3.42 -11.52 29.61
CA ALA A 313 -3.45 -12.51 28.54
C ALA A 313 -3.68 -13.91 29.09
N ALA A 314 -2.88 -14.25 30.11
CA ALA A 314 -2.91 -15.55 30.77
C ALA A 314 -4.32 -15.85 31.24
N ARG A 315 -4.89 -14.86 31.95
CA ARG A 315 -6.20 -14.99 32.59
C ARG A 315 -7.29 -15.26 31.59
N LEU A 316 -7.35 -14.46 30.52
CA LEU A 316 -8.34 -14.67 29.49
C LEU A 316 -8.30 -16.09 28.96
N LEU A 317 -7.09 -16.63 28.83
CA LEU A 317 -6.91 -17.95 28.22
C LEU A 317 -7.50 -18.97 29.17
N ASP A 318 -7.11 -18.83 30.42
CA ASP A 318 -7.58 -19.69 31.50
C ASP A 318 -9.10 -19.77 31.51
N GLU A 319 -9.76 -18.63 31.40
CA GLU A 319 -11.22 -18.58 31.42
C GLU A 319 -11.82 -18.91 30.06
N ALA A 320 -11.00 -19.20 29.07
CA ALA A 320 -11.50 -19.77 27.83
C ALA A 320 -11.33 -21.28 27.87
N GLY A 321 -10.75 -21.78 28.96
CA GLY A 321 -10.54 -23.21 29.11
C GLY A 321 -9.16 -23.65 28.66
N TRP A 322 -8.34 -22.70 28.22
CA TRP A 322 -6.97 -23.00 27.84
C TRP A 322 -6.05 -22.94 29.05
N THR A 323 -5.82 -24.10 29.65
CA THR A 323 -5.10 -24.18 30.92
C THR A 323 -3.77 -24.91 30.79
N ALA A 324 -2.87 -24.73 31.76
CA ALA A 324 -1.57 -25.35 31.70
C ALA A 324 -1.49 -26.53 32.66
N LYS A 325 -0.27 -26.98 32.94
CA LYS A 325 -0.01 -28.01 33.94
C LYS A 325 1.08 -27.53 34.91
N ALA A 326 2.32 -27.48 34.41
CA ALA A 326 3.45 -26.92 35.16
C ALA A 326 3.87 -25.58 34.55
N SER A 327 4.82 -24.90 35.21
CA SER A 327 5.33 -23.61 34.72
C SER A 327 6.21 -23.80 33.47
N GLY A 328 5.86 -23.07 32.39
CA GLY A 328 6.62 -23.16 31.14
C GLY A 328 6.06 -24.12 30.09
N ASP A 329 4.87 -24.64 30.35
CA ASP A 329 4.23 -25.62 29.46
C ASP A 329 3.37 -24.89 28.41
N ILE A 330 2.94 -25.63 27.38
CA ILE A 330 1.94 -25.15 26.41
C ILE A 330 0.52 -25.44 26.90
N ARG A 331 -0.34 -24.42 26.90
CA ARG A 331 -1.72 -24.57 27.38
C ARG A 331 -2.50 -25.64 26.60
N GLU A 332 -3.54 -26.21 27.23
CA GLU A 332 -4.33 -27.29 26.64
C GLU A 332 -5.82 -27.12 26.90
N LYS A 333 -6.63 -27.44 25.90
CA LYS A 333 -8.09 -27.45 26.08
C LYS A 333 -8.72 -28.67 25.40
N ASP A 334 -9.50 -29.42 26.18
CA ASP A 334 -10.14 -30.65 25.70
C ASP A 334 -9.07 -31.59 25.16
N GLY A 335 -7.94 -31.69 25.85
CA GLY A 335 -6.80 -32.43 25.33
C GLY A 335 -6.48 -32.00 23.91
N GLN A 336 -6.31 -30.69 23.73
CA GLN A 336 -5.86 -30.11 22.48
C GLN A 336 -4.94 -28.94 22.84
N PRO A 337 -3.67 -29.01 22.42
CA PRO A 337 -2.71 -27.96 22.76
C PRO A 337 -2.97 -26.65 22.02
N LEU A 338 -2.54 -25.54 22.62
CA LEU A 338 -2.76 -24.24 22.01
C LEU A 338 -1.64 -23.93 21.00
N ALA A 339 -1.71 -24.56 19.82
CA ALA A 339 -0.72 -24.36 18.74
C ALA A 339 -1.35 -23.55 17.59
N ILE A 340 -0.63 -22.53 17.13
CA ILE A 340 -1.15 -21.52 16.19
C ILE A 340 -0.12 -21.29 15.13
N GLU A 341 -0.47 -21.54 13.87
CA GLU A 341 0.43 -21.25 12.77
C GLU A 341 0.47 -19.76 12.48
N LEU A 342 1.67 -19.26 12.17
CA LEU A 342 1.89 -17.86 11.75
C LEU A 342 2.54 -17.89 10.37
N CYS A 343 1.84 -17.43 9.33
CA CYS A 343 2.28 -17.53 7.92
C CYS A 343 2.80 -16.22 7.34
N PHE A 344 3.85 -16.32 6.52
CA PHE A 344 4.39 -15.13 5.85
C PHE A 344 5.25 -15.60 4.69
N ILE A 345 5.29 -14.83 3.60
CA ILE A 345 6.15 -15.22 2.48
C ILE A 345 7.61 -15.24 2.97
N GLY A 346 8.29 -16.38 2.76
CA GLY A 346 9.57 -16.61 3.41
C GLY A 346 10.74 -15.72 2.99
N THR A 347 10.59 -15.03 1.86
CA THR A 347 11.58 -14.04 1.42
C THR A 347 11.36 -12.63 2.02
N ASP A 348 10.27 -12.44 2.77
CA ASP A 348 9.96 -11.14 3.36
C ASP A 348 10.72 -10.98 4.65
N ALA A 349 11.93 -10.42 4.58
CA ALA A 349 12.82 -10.21 5.72
C ALA A 349 12.24 -9.50 6.95
N ILE A 350 11.50 -8.41 6.73
CA ILE A 350 10.93 -7.67 7.86
C ILE A 350 9.90 -8.53 8.60
N SER A 351 8.95 -9.06 7.84
CA SER A 351 7.94 -9.97 8.39
C SER A 351 8.58 -11.12 9.19
N LYS A 352 9.59 -11.76 8.61
CA LYS A 352 10.33 -12.82 9.34
C LYS A 352 10.90 -12.39 10.71
N SER A 353 11.58 -11.25 10.76
CA SER A 353 12.11 -10.77 12.05
C SER A 353 10.98 -10.46 13.05
N MET A 354 9.83 -10.07 12.54
CA MET A 354 8.74 -9.72 13.45
C MET A 354 8.08 -11.00 14.01
N ALA A 355 7.95 -11.99 13.12
CA ALA A 355 7.32 -13.28 13.43
C ALA A 355 8.04 -13.98 14.57
N GLU A 356 9.37 -13.86 14.56
CA GLU A 356 10.21 -14.52 15.55
C GLU A 356 9.93 -13.92 16.92
N ILE A 357 9.72 -12.61 16.96
CA ILE A 357 9.45 -11.88 18.21
C ILE A 357 8.07 -12.28 18.75
N VAL A 358 7.09 -12.31 17.86
CA VAL A 358 5.73 -12.72 18.21
C VAL A 358 5.74 -14.13 18.77
N GLN A 359 6.54 -15.01 18.16
CA GLN A 359 6.70 -16.36 18.70
C GLN A 359 7.22 -16.38 20.14
N ALA A 360 8.34 -15.68 20.39
CA ALA A 360 8.90 -15.65 21.74
C ALA A 360 7.93 -15.11 22.76
N ASP A 361 7.25 -14.00 22.45
CA ASP A 361 6.36 -13.33 23.41
C ASP A 361 5.13 -14.20 23.75
N LEU A 362 4.53 -14.84 22.75
CA LEU A 362 3.33 -15.63 23.00
C LEU A 362 3.68 -16.91 23.77
N ARG A 363 4.92 -17.36 23.59
CA ARG A 363 5.40 -18.55 24.27
C ARG A 363 5.37 -18.32 25.79
N LYS A 364 5.49 -17.06 26.22
CA LYS A 364 5.54 -16.80 27.66
C LYS A 364 4.17 -17.02 28.32
N VAL A 365 3.09 -16.91 27.53
CA VAL A 365 1.74 -17.13 28.07
C VAL A 365 1.13 -18.49 27.70
N GLY A 366 1.93 -19.37 27.11
CA GLY A 366 1.49 -20.74 26.88
C GLY A 366 1.11 -21.08 25.46
N ILE A 367 1.30 -20.14 24.54
CA ILE A 367 0.93 -20.37 23.13
C ILE A 367 2.11 -20.89 22.28
N ASP A 368 1.91 -22.02 21.61
CA ASP A 368 2.93 -22.53 20.70
C ASP A 368 2.73 -22.00 19.28
N VAL A 369 3.32 -20.85 18.96
CA VAL A 369 3.33 -20.36 17.59
C VAL A 369 4.25 -21.21 16.71
N LYS A 370 3.69 -21.75 15.65
CA LYS A 370 4.45 -22.54 14.66
C LYS A 370 4.74 -21.64 13.48
N LEU A 371 6.00 -21.26 13.29
CA LEU A 371 6.38 -20.34 12.23
C LEU A 371 6.28 -21.06 10.88
N THR A 372 5.67 -20.42 9.88
CA THR A 372 5.63 -21.04 8.55
C THR A 372 6.00 -20.00 7.49
N GLY A 373 7.27 -19.93 7.12
CA GLY A 373 7.70 -19.02 6.08
C GLY A 373 7.69 -19.79 4.78
N GLU A 374 6.69 -19.57 3.94
CA GLU A 374 6.49 -20.45 2.80
C GLU A 374 6.71 -19.75 1.46
N GLU A 375 6.65 -20.54 0.39
CA GLU A 375 6.81 -19.99 -0.94
C GLU A 375 5.53 -19.27 -1.34
N GLU A 376 5.66 -18.33 -2.27
CA GLU A 376 4.55 -17.39 -2.57
C GLU A 376 3.24 -18.06 -3.00
N SER A 377 3.34 -19.09 -3.85
CA SER A 377 2.15 -19.81 -4.28
C SER A 377 1.45 -20.57 -3.17
N SER A 378 2.27 -21.07 -2.23
CA SER A 378 1.76 -21.75 -1.06
C SER A 378 0.99 -20.79 -0.16
N ILE A 379 1.56 -19.61 0.06
CA ILE A 379 0.89 -18.52 0.82
C ILE A 379 -0.41 -18.03 0.16
N TYR A 380 -0.34 -17.77 -1.15
CA TYR A 380 -1.53 -17.39 -1.89
C TYR A 380 -2.69 -18.39 -1.70
N ALA A 381 -2.39 -19.68 -1.86
CA ALA A 381 -3.40 -20.72 -1.66
C ALA A 381 -4.00 -20.65 -0.24
N ARG A 382 -3.15 -20.46 0.77
CA ARG A 382 -3.64 -20.34 2.15
C ARG A 382 -4.60 -19.17 2.27
N GLN A 383 -4.22 -18.02 1.69
CA GLN A 383 -5.09 -16.85 1.77
C GLN A 383 -6.50 -17.09 1.23
N ARG A 384 -6.63 -17.70 0.04
CA ARG A 384 -7.96 -17.95 -0.52
C ARG A 384 -8.74 -19.01 0.26
N ASP A 385 -8.03 -20.04 0.71
CA ASP A 385 -8.67 -21.19 1.38
C ASP A 385 -9.00 -20.86 2.83
N GLY A 386 -8.43 -19.79 3.37
CA GLY A 386 -8.60 -19.51 4.79
C GLY A 386 -7.86 -20.52 5.66
N ARG A 387 -6.83 -21.14 5.08
CA ARG A 387 -6.04 -22.14 5.78
C ARG A 387 -4.87 -21.50 6.53
N PHE A 388 -5.19 -20.71 7.55
CA PHE A 388 -4.17 -20.04 8.35
C PHE A 388 -4.78 -19.71 9.70
N ASP A 389 -3.94 -19.59 10.74
CA ASP A 389 -4.40 -19.11 12.03
C ASP A 389 -4.08 -17.62 12.13
N MET A 390 -2.82 -17.28 11.88
CA MET A 390 -2.38 -15.88 11.87
C MET A 390 -1.59 -15.66 10.60
N ILE A 391 -1.83 -14.57 9.89
CA ILE A 391 -1.10 -14.27 8.65
C ILE A 391 -0.76 -12.78 8.52
N PHE A 392 0.43 -12.46 8.04
CA PHE A 392 0.82 -11.04 7.92
C PHE A 392 0.02 -10.38 6.80
N ASN A 393 -0.39 -9.12 6.98
CA ASN A 393 -1.06 -8.38 5.91
C ASN A 393 -0.73 -6.91 6.17
N GLN A 394 -1.07 -6.02 5.26
CA GLN A 394 -0.91 -4.59 5.54
C GLN A 394 -1.90 -3.74 4.77
N THR A 395 -2.26 -2.57 5.32
CA THR A 395 -3.16 -1.68 4.54
C THR A 395 -2.42 -1.08 3.38
N TRP A 396 -3.07 -0.17 2.62
CA TRP A 396 -2.56 0.25 1.33
C TRP A 396 -1.99 1.66 1.31
N GLY A 397 -2.17 2.41 2.39
CA GLY A 397 -1.60 3.74 2.43
C GLY A 397 -2.49 4.77 1.72
N ALA A 398 -1.96 5.96 1.53
CA ALA A 398 -2.70 7.05 0.88
C ALA A 398 -2.58 6.96 -0.67
N PRO A 399 -3.66 7.26 -1.38
CA PRO A 399 -4.97 7.64 -0.89
C PRO A 399 -5.89 6.42 -1.04
N TYR A 400 -5.41 5.24 -0.62
CA TYR A 400 -6.25 4.04 -0.71
C TYR A 400 -7.04 3.81 0.56
N ASP A 401 -6.40 4.02 1.72
CA ASP A 401 -7.01 3.88 3.04
C ASP A 401 -7.97 5.01 3.40
N PRO A 402 -9.14 4.65 3.94
CA PRO A 402 -9.67 3.30 4.23
C PRO A 402 -10.49 2.67 3.12
N HIS A 403 -11.08 3.50 2.26
CA HIS A 403 -12.08 3.05 1.30
C HIS A 403 -11.64 1.83 0.54
N ALA A 404 -10.48 1.86 -0.12
CA ALA A 404 -10.17 0.75 -1.04
C ALA A 404 -9.80 -0.54 -0.25
N PHE A 405 -9.20 -0.35 0.92
CA PHE A 405 -8.81 -1.52 1.70
C PHE A 405 -10.05 -2.19 2.35
N VAL A 406 -10.93 -1.41 2.96
CA VAL A 406 -12.18 -2.03 3.46
C VAL A 406 -12.98 -2.65 2.31
N SER A 407 -12.97 -2.00 1.15
CA SER A 407 -13.72 -2.59 0.05
C SER A 407 -13.22 -4.02 -0.26
N SER A 408 -11.92 -4.23 -0.18
CA SER A 408 -11.33 -5.55 -0.49
C SER A 408 -11.68 -6.62 0.53
N MET A 409 -12.04 -6.20 1.74
CA MET A 409 -12.48 -7.14 2.76
C MET A 409 -13.71 -7.95 2.29
N ARG A 410 -14.39 -7.48 1.25
CA ARG A 410 -15.61 -8.13 0.82
C ARG A 410 -15.34 -9.33 -0.09
N VAL A 411 -14.10 -9.46 -0.56
CA VAL A 411 -13.82 -10.43 -1.63
C VAL A 411 -13.40 -11.78 -1.06
N PRO A 412 -14.20 -12.84 -1.33
CA PRO A 412 -14.00 -14.17 -0.73
C PRO A 412 -12.57 -14.73 -0.87
N SER A 413 -11.89 -14.40 -1.95
CA SER A 413 -10.57 -14.98 -2.16
C SER A 413 -9.47 -14.21 -1.42
N HIS A 414 -9.83 -13.23 -0.59
CA HIS A 414 -8.84 -12.41 0.10
C HIS A 414 -8.69 -12.87 1.54
N ALA A 415 -7.48 -12.68 2.07
CA ALA A 415 -7.14 -13.07 3.43
C ALA A 415 -8.00 -12.33 4.45
N ASP A 416 -8.31 -11.06 4.22
CA ASP A 416 -9.14 -10.31 5.17
C ASP A 416 -10.57 -10.85 5.24
N TYR A 417 -11.11 -11.27 4.11
CA TYR A 417 -12.44 -11.85 4.13
C TYR A 417 -12.43 -13.19 4.88
N GLN A 418 -11.44 -14.03 4.56
CA GLN A 418 -11.34 -15.35 5.18
C GLN A 418 -11.16 -15.22 6.69
N ALA A 419 -10.36 -14.24 7.13
CA ALA A 419 -10.14 -14.05 8.59
C ALA A 419 -11.40 -13.55 9.30
N GLN A 420 -12.25 -12.81 8.56
CA GLN A 420 -13.44 -12.19 9.16
C GLN A 420 -14.66 -13.09 9.04
N LEU A 421 -14.48 -14.26 8.41
CA LEU A 421 -15.63 -15.10 8.03
C LEU A 421 -16.38 -15.71 9.19
N GLY A 422 -15.71 -15.83 10.33
CA GLY A 422 -16.32 -16.44 11.51
C GLY A 422 -17.07 -15.45 12.40
N LEU A 423 -17.07 -14.18 12.01
CA LEU A 423 -17.74 -13.15 12.81
C LEU A 423 -19.25 -13.21 12.59
N PRO A 424 -20.01 -13.16 13.69
CA PRO A 424 -21.48 -13.25 13.57
C PRO A 424 -22.02 -12.07 12.75
N ASP A 425 -21.31 -10.96 12.83
CA ASP A 425 -21.70 -9.74 12.10
C ASP A 425 -20.95 -9.50 10.77
N LYS A 426 -20.39 -10.56 10.15
CA LYS A 426 -19.66 -10.42 8.87
C LYS A 426 -20.53 -9.87 7.75
N ALA A 427 -21.75 -10.39 7.63
CA ALA A 427 -22.65 -9.91 6.58
C ALA A 427 -22.96 -8.41 6.77
N LYS A 428 -23.15 -7.98 8.00
CA LYS A 428 -23.52 -6.61 8.28
C LYS A 428 -22.33 -5.67 8.03
N ILE A 429 -21.15 -6.13 8.37
CA ILE A 429 -19.93 -5.37 8.08
C ILE A 429 -19.83 -5.15 6.58
N ASP A 430 -20.03 -6.22 5.80
CA ASP A 430 -19.89 -6.12 4.34
C ASP A 430 -20.96 -5.24 3.70
N ALA A 431 -22.19 -5.34 4.20
CA ALA A 431 -23.24 -4.51 3.72
C ALA A 431 -22.91 -3.04 4.03
N GLU A 432 -22.31 -2.77 5.20
CA GLU A 432 -22.04 -1.37 5.57
C GLU A 432 -20.86 -0.79 4.78
N ILE A 433 -19.95 -1.67 4.41
CA ILE A 433 -18.82 -1.27 3.53
C ILE A 433 -19.41 -0.83 2.16
N GLY A 434 -20.38 -1.58 1.65
CA GLY A 434 -20.95 -1.25 0.34
C GLY A 434 -21.64 0.11 0.44
N GLN A 435 -22.40 0.30 1.51
CA GLN A 435 -23.16 1.53 1.70
C GLN A 435 -22.23 2.74 1.81
N VAL A 436 -21.15 2.58 2.57
CA VAL A 436 -20.25 3.71 2.81
C VAL A 436 -19.57 4.18 1.50
N LEU A 437 -19.25 3.26 0.60
CA LEU A 437 -18.60 3.66 -0.64
C LEU A 437 -19.49 4.53 -1.56
N VAL A 438 -20.81 4.32 -1.54
CA VAL A 438 -21.71 5.13 -2.37
C VAL A 438 -22.53 6.16 -1.58
N SER A 439 -22.18 6.34 -0.31
CA SER A 439 -22.83 7.38 0.49
C SER A 439 -22.49 8.80 0.02
N THR A 440 -23.49 9.67 -0.07
CA THR A 440 -23.25 11.05 -0.49
C THR A 440 -23.39 11.99 0.69
N ASP A 441 -23.27 11.48 1.89
CA ASP A 441 -23.50 12.33 3.05
C ASP A 441 -22.40 12.12 4.12
N GLU A 442 -21.80 13.22 4.55
CA GLU A 442 -20.57 13.12 5.35
C GLU A 442 -20.88 12.60 6.76
N THR A 443 -22.03 13.01 7.29
CA THR A 443 -22.44 12.52 8.62
C THR A 443 -22.61 10.99 8.55
N ALA A 444 -23.22 10.50 7.48
CA ALA A 444 -23.44 9.06 7.33
C ALA A 444 -22.12 8.30 7.15
N ARG A 445 -21.19 8.89 6.38
CA ARG A 445 -19.89 8.26 6.17
C ARG A 445 -19.08 8.15 7.45
N GLN A 446 -19.09 9.19 8.27
CA GLN A 446 -18.44 9.09 9.58
C GLN A 446 -19.03 7.96 10.42
N ALA A 447 -20.37 7.92 10.54
CA ALA A 447 -21.03 6.90 11.37
C ALA A 447 -20.73 5.49 10.90
N LEU A 448 -20.82 5.29 9.58
CA LEU A 448 -20.53 4.00 8.98
C LEU A 448 -19.10 3.54 9.21
N TYR A 449 -18.11 4.38 8.91
CA TYR A 449 -16.74 3.98 9.19
C TYR A 449 -16.56 3.76 10.68
N LYS A 450 -17.18 4.59 11.52
CA LYS A 450 -17.00 4.35 12.96
C LYS A 450 -17.51 2.96 13.38
N ASP A 451 -18.64 2.54 12.80
CA ASP A 451 -19.21 1.26 13.16
C ASP A 451 -18.35 0.11 12.62
N ILE A 452 -18.06 0.10 11.31
CA ILE A 452 -17.18 -0.92 10.76
C ILE A 452 -15.85 -1.07 11.53
N LEU A 453 -15.18 0.05 11.81
CA LEU A 453 -13.86 -0.03 12.49
C LEU A 453 -13.97 -0.45 13.97
N THR A 454 -15.04 -0.04 14.63
CA THR A 454 -15.22 -0.41 16.02
C THR A 454 -15.46 -1.94 16.11
N ARG A 455 -16.24 -2.49 15.17
CA ARG A 455 -16.52 -3.93 15.21
C ARG A 455 -15.23 -4.69 15.01
N LEU A 456 -14.51 -4.32 13.96
CA LEU A 456 -13.20 -4.94 13.74
C LEU A 456 -12.23 -4.83 14.95
N HIS A 457 -12.29 -3.70 15.68
CA HIS A 457 -11.42 -3.52 16.84
C HIS A 457 -11.90 -4.31 18.04
N GLU A 458 -13.20 -4.18 18.35
CA GLU A 458 -13.74 -4.84 19.54
C GLU A 458 -13.76 -6.37 19.43
N GLU A 459 -13.89 -6.89 18.21
N GLU A 459 -13.85 -6.87 18.20
CA GLU A 459 -13.79 -8.33 17.98
CA GLU A 459 -13.78 -8.32 17.92
C GLU A 459 -12.36 -8.83 17.73
C GLU A 459 -12.34 -8.85 17.79
N ALA A 460 -11.37 -7.94 17.89
CA ALA A 460 -9.94 -8.31 17.81
C ALA A 460 -9.60 -9.12 16.59
N VAL A 461 -10.07 -8.68 15.43
CA VAL A 461 -9.80 -9.43 14.20
C VAL A 461 -8.31 -9.37 13.87
N TYR A 462 -7.68 -8.22 14.18
CA TYR A 462 -6.28 -8.01 13.81
C TYR A 462 -5.38 -7.97 15.03
N LEU A 463 -4.08 -8.24 14.84
CA LEU A 463 -3.06 -7.84 15.81
C LEU A 463 -2.30 -6.72 15.13
N PRO A 464 -2.65 -5.44 15.40
CA PRO A 464 -1.86 -4.40 14.74
C PRO A 464 -0.47 -4.37 15.31
N LEU A 465 0.51 -4.09 14.46
CA LEU A 465 1.91 -4.12 14.90
C LEU A 465 2.61 -2.78 14.75
N THR A 466 2.81 -2.32 13.52
CA THR A 466 3.58 -1.06 13.31
C THR A 466 3.02 -0.26 12.12
N SER A 467 3.44 1.00 12.03
CA SER A 467 3.13 1.80 10.86
C SER A 467 4.34 1.81 9.97
N VAL A 468 4.13 1.43 8.72
CA VAL A 468 5.19 1.42 7.73
C VAL A 468 5.72 2.84 7.61
N THR A 469 7.02 2.99 7.36
CA THR A 469 7.57 4.33 7.17
C THR A 469 8.56 4.32 6.02
N ALA A 470 8.57 5.40 5.24
CA ALA A 470 9.54 5.57 4.18
C ALA A 470 10.83 5.95 4.87
N MET A 471 11.91 5.21 4.64
CA MET A 471 13.20 5.70 5.13
C MET A 471 14.00 6.29 3.97
N ALA A 472 14.66 7.43 4.24
CA ALA A 472 15.46 8.12 3.24
C ALA A 472 16.85 8.51 3.77
N VAL A 473 17.86 8.29 2.94
CA VAL A 473 19.24 8.60 3.31
C VAL A 473 19.89 9.22 2.09
N ALA A 474 20.58 10.34 2.26
CA ALA A 474 21.15 10.99 1.09
C ALA A 474 22.34 11.82 1.46
N LYS A 475 23.36 11.77 0.61
CA LYS A 475 24.49 12.68 0.70
C LYS A 475 23.91 14.09 0.71
N PRO A 476 24.45 14.99 1.54
CA PRO A 476 23.86 16.33 1.71
C PRO A 476 23.77 17.10 0.37
N GLU A 477 24.69 16.80 -0.54
CA GLU A 477 24.72 17.44 -1.86
C GLU A 477 23.46 17.21 -2.71
N VAL A 478 22.75 16.11 -2.45
CA VAL A 478 21.49 15.80 -3.16
C VAL A 478 20.43 16.84 -2.86
N GLY A 479 20.47 17.37 -1.64
CA GLY A 479 19.55 18.41 -1.24
C GLY A 479 18.53 17.99 -0.21
N LYS A 480 17.52 18.83 -0.04
CA LYS A 480 16.44 18.62 0.93
C LYS A 480 15.74 17.32 0.61
N ILE A 481 15.35 16.57 1.64
CA ILE A 481 14.62 15.30 1.47
C ILE A 481 13.12 15.57 1.60
N THR A 482 12.35 15.14 0.59
CA THR A 482 10.87 15.26 0.60
C THR A 482 10.21 13.88 0.46
N PHE A 483 9.09 13.66 1.13
CA PHE A 483 8.40 12.38 0.95
C PHE A 483 7.21 12.53 0.00
N GLY A 484 6.93 11.49 -0.78
CA GLY A 484 5.79 11.55 -1.68
C GLY A 484 4.50 11.70 -0.91
N ALA A 485 3.46 12.18 -1.58
CA ALA A 485 2.11 12.23 -1.01
C ALA A 485 1.54 10.79 -0.87
N MET A 486 1.88 9.91 -1.82
CA MET A 486 1.42 8.50 -1.77
C MET A 486 2.55 7.57 -1.30
N SER A 487 2.24 6.35 -0.82
CA SER A 487 3.32 5.47 -0.35
C SER A 487 4.31 5.18 -1.46
N SER A 488 3.75 4.99 -2.67
CA SER A 488 4.52 4.51 -3.81
C SER A 488 5.23 5.64 -4.55
N GLU A 489 4.99 6.87 -4.13
CA GLU A 489 5.53 8.06 -4.81
C GLU A 489 6.90 8.47 -4.26
N ILE A 490 7.92 8.41 -5.11
CA ILE A 490 9.25 8.92 -4.82
C ILE A 490 9.48 10.23 -5.62
N PRO A 491 9.34 11.38 -4.95
CA PRO A 491 9.35 12.64 -5.72
C PRO A 491 10.72 13.08 -6.22
N PHE A 492 11.29 12.36 -7.20
CA PHE A 492 12.59 12.72 -7.75
C PHE A 492 12.56 14.13 -8.35
N GLU A 493 11.39 14.53 -8.85
CA GLU A 493 11.27 15.81 -9.58
C GLU A 493 11.37 17.03 -8.65
N LYS A 494 11.29 16.78 -7.35
CA LYS A 494 11.38 17.83 -6.34
C LYS A 494 12.77 17.93 -5.69
N LEU A 495 13.69 17.06 -6.09
CA LEU A 495 15.03 17.11 -5.54
C LEU A 495 15.74 18.28 -6.19
N THR A 496 16.39 19.09 -5.38
CA THR A 496 17.14 20.23 -5.90
C THR A 496 18.55 20.25 -5.28
N PRO A 497 19.53 19.77 -6.06
CA PRO A 497 20.92 19.51 -5.64
C PRO A 497 21.56 20.65 -4.86
N LYS A 498 22.46 20.28 -3.95
CA LYS A 498 23.19 21.19 -3.04
C LYS A 498 22.34 21.73 -1.87
O20 EDT B . -2.16 -6.60 -8.42
C5 EDT B . -2.15 -5.85 -7.41
O19 EDT B . -1.07 -5.62 -6.74
C4 EDT B . -3.49 -5.19 -7.02
N3 EDT B . -3.32 -4.54 -5.71
C2 EDT B . -3.68 -5.47 -4.66
C1 EDT B . -2.70 -5.61 -3.48
O18 EDT B . -3.15 -6.40 -2.63
O17 EDT B . -1.56 -5.00 -3.41
C6 EDT B . -4.39 -3.53 -5.64
C7 EDT B . -4.12 -2.56 -4.46
N8 EDT B . -2.72 -2.18 -4.57
C9 EDT B . -2.08 -1.96 -3.28
C10 EDT B . -0.56 -1.88 -3.48
O16 EDT B . 0.07 -1.03 -2.79
O15 EDT B . -0.02 -2.68 -4.30
C11 EDT B . -2.50 -1.09 -5.53
C12 EDT B . -2.07 -1.63 -6.93
O13 EDT B . -1.54 -2.77 -7.02
O14 EDT B . -2.25 -0.92 -7.97
FE FE C . -1.30 -3.92 -5.34
S SO4 D . 5.75 -6.74 -7.48
O1 SO4 D . 6.75 -5.87 -6.86
O2 SO4 D . 6.10 -6.95 -8.88
O3 SO4 D . 5.65 -8.04 -6.81
O4 SO4 D . 4.45 -6.08 -7.38
S SO4 E . 3.69 6.42 22.96
O1 SO4 E . 3.87 6.49 24.41
O2 SO4 E . 3.96 7.72 22.35
O3 SO4 E . 4.61 5.43 22.41
O4 SO4 E . 2.29 6.06 22.70
S SO4 F . -25.63 -5.66 16.11
O1 SO4 F . -24.36 -6.20 16.59
O2 SO4 F . -25.98 -4.47 16.89
O3 SO4 F . -25.51 -5.31 14.70
O4 SO4 F . -26.66 -6.69 16.22
C1 GOL G . -11.04 -1.98 23.23
O1 GOL G . -12.24 -2.67 22.88
C2 GOL G . -10.54 -2.34 24.63
O2 GOL G . -11.22 -3.44 25.17
C3 GOL G . -9.07 -2.73 24.57
O3 GOL G . -8.48 -2.26 25.75
C1 GOL H . 5.90 -1.78 -7.09
O1 GOL H . 4.50 -1.81 -7.17
C2 GOL H . 6.33 -1.26 -5.73
O2 GOL H . 6.98 -2.33 -5.08
C3 GOL H . 7.35 -0.15 -5.93
O3 GOL H . 6.72 1.09 -6.16
C1 GOL I . -11.18 -25.63 11.52
O1 GOL I . -9.85 -25.55 11.98
C2 GOL I . -12.09 -25.90 12.72
O2 GOL I . -12.43 -24.68 13.33
C3 GOL I . -11.36 -26.79 13.72
O3 GOL I . -10.93 -26.02 14.81
#